data_8VLB
#
_entry.id   8VLB
#
_cell.length_a   116.440
_cell.length_b   178.116
_cell.length_c   104.166
_cell.angle_alpha   90.00
_cell.angle_beta   90.00
_cell.angle_gamma   90.00
#
_symmetry.space_group_name_H-M   'C 2 2 21'
#
loop_
_entity.id
_entity.type
_entity.pdbx_description
1 polymer 'von Hippel-Lindau disease tumor suppressor'
2 polymer Elongin-B
3 polymer Elongin-C
4 polymer 'Cysteine dioxygenase type 1'
5 non-polymer N-acetyl-3-methyl-L-valyl-(4R)-4-hydroxy-N-[4-(4-methyl-1,3-thiazol-5-yl)benzyl]-L-prolinamide
6 non-polymer 'CITRIC ACID'
7 non-polymer 'FE (II) ION'
8 water water
#
loop_
_entity_poly.entity_id
_entity_poly.type
_entity_poly.pdbx_seq_one_letter_code
_entity_poly.pdbx_strand_id
1 'polypeptide(L)'
;GPMEAGRPRPVLRSVNSREPSQVIFCNRSPRVVLPVWLNFDGEPQPYPTLPPGTGRRIHSYRGHLWLFRDAGTHDGLLVN
QTELFVPSLNVDGQPIFANITLPVYTLKERCLQVVRSLVKPENYRRLDIVRSLYEDLEDHPNVQKDLERLTQERIAHQRM
GD
;
A
2 'polypeptide(L)'
;MDVFLMIRRHKTTIFTDAKESSTVFELKRIVEGILKRPPDEQRLYKDDQLLDDGKTLGECGFTSQTARPQAPATVGLAFR
ADDTFEALCIEPFSSPPELPDVMKPQDSGSSANEQAVQ
;
B
3 'polypeptide(L)'
;MYVKLISSDGHEFIVKREHALTSGTIKAMLSGPGQFAENETNEVNFREIPSHVLSKVCMYFTYKVRYTNSSTEIPEFPIA
PEIALELLMAANFLDC
;
C
4 'polypeptide(L)'
;GMEQTEVLKPRTLADLIRILHQLFAGDEVNVEEVQAIMEAYESDPTEWAMYAKFDQYRYTRNLVDQGNGKFNLMILCWGE
GHGSSIHDHTNSHCFLKMLQGNLKETLFAWPDKKSNEMVKKSERVLRENQCAYINDSIGLHRVENISHTEPAVSLHLYSP
PFDTCHAFDQRTGHKNKVTMTFHSKFGIRTPNATSGSLENN
;
D
#
loop_
_chem_comp.id
_chem_comp.type
_chem_comp.name
_chem_comp.formula
3JF non-polymer N-acetyl-3-methyl-L-valyl-(4R)-4-hydroxy-N-[4-(4-methyl-1,3-thiazol-5-yl)benzyl]-L-prolinamide 'C24 H32 N4 O4 S'
CIT non-polymer 'CITRIC ACID' 'C6 H8 O7'
FE2 non-polymer 'FE (II) ION' 'Fe 2'
#
# COMPACT_ATOMS: atom_id res chain seq x y z
N PRO A 10 -19.86 4.75 -15.66
CA PRO A 10 -18.90 4.87 -14.56
C PRO A 10 -17.90 5.99 -14.79
N VAL A 11 -17.77 6.91 -13.82
CA VAL A 11 -16.95 8.10 -14.04
C VAL A 11 -15.48 7.82 -13.73
N LEU A 12 -15.20 7.04 -12.68
CA LEU A 12 -13.84 6.67 -12.35
C LEU A 12 -13.46 5.44 -13.17
N ARG A 13 -12.94 5.70 -14.38
CA ARG A 13 -12.48 4.66 -15.29
C ARG A 13 -11.21 5.15 -15.97
N SER A 14 -10.38 4.21 -16.41
CA SER A 14 -9.30 4.56 -17.34
C SER A 14 -9.87 4.72 -18.74
N VAL A 15 -9.37 5.72 -19.46
CA VAL A 15 -9.72 5.87 -20.86
C VAL A 15 -8.75 5.03 -21.66
N ASN A 16 -9.27 4.39 -22.72
CA ASN A 16 -8.43 3.55 -23.58
C ASN A 16 -7.67 4.46 -24.55
N SER A 17 -6.54 4.99 -24.08
CA SER A 17 -5.76 5.94 -24.87
C SER A 17 -4.81 5.25 -25.85
N ARG A 18 -4.21 4.14 -25.43
CA ARG A 18 -3.17 3.44 -26.19
C ARG A 18 -1.96 4.33 -26.47
N GLU A 19 -1.85 5.44 -25.72
CA GLU A 19 -0.69 6.32 -25.74
C GLU A 19 0.15 5.98 -24.51
N PRO A 20 1.26 5.27 -24.67
CA PRO A 20 2.00 4.76 -23.50
C PRO A 20 2.64 5.88 -22.68
N SER A 21 2.94 5.54 -21.42
CA SER A 21 3.39 6.50 -20.43
C SER A 21 4.17 5.74 -19.37
N GLN A 22 5.50 5.86 -19.37
CA GLN A 22 6.30 5.14 -18.40
C GLN A 22 6.19 5.83 -17.05
N VAL A 23 6.10 5.03 -15.98
CA VAL A 23 5.81 5.55 -14.65
C VAL A 23 6.75 4.90 -13.64
N ILE A 24 7.14 5.68 -12.64
CA ILE A 24 7.89 5.17 -11.50
C ILE A 24 6.92 5.05 -10.33
N PHE A 25 6.67 3.82 -9.89
CA PHE A 25 6.01 3.58 -8.61
C PHE A 25 7.06 3.59 -7.52
N CYS A 26 6.87 4.43 -6.53
CA CYS A 26 7.80 4.55 -5.41
C CYS A 26 7.06 4.37 -4.10
N ASN A 27 7.31 3.26 -3.42
CA ASN A 27 6.71 2.98 -2.11
C ASN A 27 7.60 3.58 -1.04
N ARG A 28 7.23 4.75 -0.54
CA ARG A 28 7.92 5.31 0.63
CA ARG A 28 7.88 5.38 0.61
C ARG A 28 7.00 5.31 1.85
N SER A 29 6.27 4.20 1.99
CA SER A 29 5.48 3.81 3.14
C SER A 29 6.15 2.65 3.86
N PRO A 30 5.78 2.38 5.11
CA PRO A 30 6.27 1.16 5.77
C PRO A 30 5.45 -0.08 5.46
N ARG A 31 4.40 0.03 4.65
CA ARG A 31 3.51 -1.07 4.30
C ARG A 31 3.95 -1.74 2.99
N VAL A 32 3.46 -2.96 2.78
CA VAL A 32 3.54 -3.57 1.45
C VAL A 32 2.42 -2.98 0.61
N VAL A 33 2.78 -2.31 -0.46
CA VAL A 33 1.81 -1.56 -1.26
C VAL A 33 1.23 -2.45 -2.36
N LEU A 34 -0.09 -2.38 -2.53
CA LEU A 34 -0.78 -3.04 -3.62
C LEU A 34 -1.22 -1.98 -4.62
N PRO A 35 -0.56 -1.87 -5.77
CA PRO A 35 -1.08 -1.00 -6.84
C PRO A 35 -2.40 -1.55 -7.35
N VAL A 36 -3.35 -0.65 -7.56
CA VAL A 36 -4.69 -1.04 -8.01
C VAL A 36 -5.03 -0.20 -9.24
N TRP A 37 -5.13 -0.86 -10.38
CA TRP A 37 -5.54 -0.20 -11.61
C TRP A 37 -7.06 -0.31 -11.76
N LEU A 38 -7.66 0.73 -12.36
CA LEU A 38 -9.09 0.76 -12.62
C LEU A 38 -9.29 0.59 -14.11
N ASN A 39 -9.90 -0.54 -14.51
CA ASN A 39 -9.97 -0.84 -15.93
C ASN A 39 -11.00 0.08 -16.59
N PHE A 40 -11.26 -0.17 -17.87
CA PHE A 40 -12.09 0.72 -18.65
C PHE A 40 -13.55 0.64 -18.26
N ASP A 41 -13.97 -0.44 -17.60
CA ASP A 41 -15.31 -0.52 -17.03
C ASP A 41 -15.38 0.05 -15.62
N GLY A 42 -14.25 0.48 -15.06
CA GLY A 42 -14.22 1.03 -13.72
C GLY A 42 -13.99 0.03 -12.62
N GLU A 43 -13.81 -1.25 -12.95
CA GLU A 43 -13.55 -2.29 -11.96
C GLU A 43 -12.08 -2.32 -11.58
N PRO A 44 -11.77 -2.55 -10.30
CA PRO A 44 -10.37 -2.64 -9.87
C PRO A 44 -9.72 -3.97 -10.22
N GLN A 45 -8.47 -3.91 -10.68
CA GLN A 45 -7.65 -5.08 -10.95
C GLN A 45 -6.30 -4.87 -10.27
N PRO A 46 -5.85 -5.78 -9.43
CA PRO A 46 -4.60 -5.55 -8.69
C PRO A 46 -3.37 -5.87 -9.53
N TYR A 47 -2.24 -5.39 -9.04
CA TYR A 47 -0.94 -5.55 -9.69
C TYR A 47 0.07 -6.04 -8.66
N PRO A 48 1.28 -6.41 -9.11
CA PRO A 48 2.25 -6.97 -8.15
C PRO A 48 2.54 -6.02 -7.00
N THR A 49 2.74 -6.58 -5.82
CA THR A 49 2.96 -5.79 -4.62
C THR A 49 4.38 -5.21 -4.58
N LEU A 50 4.49 -4.02 -4.02
CA LEU A 50 5.76 -3.33 -3.82
C LEU A 50 6.16 -3.42 -2.36
N PRO A 51 7.34 -3.93 -2.03
CA PRO A 51 7.78 -3.92 -0.63
C PRO A 51 8.11 -2.51 -0.20
N PRO A 52 8.24 -2.26 1.10
CA PRO A 52 8.61 -0.91 1.55
C PRO A 52 10.00 -0.53 1.05
N GLY A 53 10.14 0.72 0.61
CA GLY A 53 11.40 1.24 0.15
C GLY A 53 11.73 0.94 -1.29
N THR A 54 10.90 0.20 -2.01
CA THR A 54 11.26 -0.20 -3.36
C THR A 54 10.62 0.71 -4.39
N GLY A 55 11.32 0.89 -5.50
CA GLY A 55 10.79 1.61 -6.65
C GLY A 55 10.89 0.73 -7.87
N ARG A 56 9.93 0.87 -8.78
CA ARG A 56 9.93 0.14 -10.04
C ARG A 56 9.40 1.04 -11.13
N ARG A 57 10.03 0.97 -12.30
CA ARG A 57 9.53 1.70 -13.46
C ARG A 57 8.62 0.76 -14.24
N ILE A 58 7.37 1.17 -14.41
CA ILE A 58 6.33 0.29 -14.95
C ILE A 58 5.73 0.91 -16.20
N HIS A 59 5.01 0.08 -16.94
CA HIS A 59 4.41 0.48 -18.20
C HIS A 59 2.96 0.87 -17.94
N SER A 60 2.56 2.04 -18.45
CA SER A 60 1.16 2.45 -18.35
C SER A 60 0.82 3.37 -19.51
N TYR A 61 -0.35 4.02 -19.43
CA TYR A 61 -0.87 4.80 -20.54
C TYR A 61 -1.47 6.08 -19.99
N ARG A 62 -1.50 7.12 -20.82
CA ARG A 62 -2.11 8.37 -20.39
C ARG A 62 -3.60 8.15 -20.18
N GLY A 63 -4.13 8.74 -19.10
CA GLY A 63 -5.53 8.63 -18.79
C GLY A 63 -5.93 7.44 -17.95
N HIS A 64 -4.98 6.63 -17.49
CA HIS A 64 -5.30 5.46 -16.69
C HIS A 64 -5.29 5.80 -15.19
N LEU A 65 -6.23 5.22 -14.47
CA LEU A 65 -6.48 5.56 -13.08
C LEU A 65 -5.87 4.52 -12.15
N TRP A 66 -5.09 5.00 -11.17
CA TRP A 66 -4.46 4.13 -10.19
C TRP A 66 -4.83 4.58 -8.79
N LEU A 67 -4.80 3.63 -7.86
CA LEU A 67 -4.78 3.92 -6.43
C LEU A 67 -3.96 2.83 -5.76
N PHE A 68 -3.72 2.99 -4.46
CA PHE A 68 -2.70 2.18 -3.78
C PHE A 68 -3.14 1.87 -2.36
N ARG A 69 -2.99 0.60 -1.96
CA ARG A 69 -3.50 0.13 -0.68
C ARG A 69 -2.47 -0.73 0.03
N ASP A 70 -2.64 -0.87 1.35
CA ASP A 70 -1.93 -1.91 2.09
C ASP A 70 -2.32 -3.26 1.50
N ALA A 71 -1.32 -4.01 1.08
CA ALA A 71 -1.62 -5.28 0.42
C ALA A 71 -2.25 -6.28 1.39
N GLY A 72 -2.11 -6.08 2.69
CA GLY A 72 -2.58 -7.07 3.64
C GLY A 72 -3.89 -6.69 4.32
N THR A 73 -4.11 -5.40 4.53
CA THR A 73 -5.27 -4.91 5.23
C THR A 73 -6.19 -4.08 4.36
N HIS A 74 -5.75 -3.73 3.15
CA HIS A 74 -6.45 -2.83 2.24
C HIS A 74 -6.66 -1.44 2.83
N ASP A 75 -5.86 -1.07 3.83
CA ASP A 75 -5.80 0.31 4.27
C ASP A 75 -5.45 1.21 3.10
N GLY A 76 -6.05 2.39 3.06
CA GLY A 76 -5.82 3.31 1.95
C GLY A 76 -4.48 4.03 2.08
N LEU A 77 -3.85 4.29 0.93
CA LEU A 77 -2.58 4.99 0.87
C LEU A 77 -2.68 6.18 -0.07
N LEU A 78 -1.76 7.12 0.13
CA LEU A 78 -1.71 8.31 -0.70
C LEU A 78 -0.67 8.15 -1.80
N VAL A 79 -0.86 8.90 -2.88
CA VAL A 79 0.07 8.88 -3.99
C VAL A 79 0.23 10.32 -4.51
N ASN A 80 1.41 10.88 -4.31
CA ASN A 80 1.65 12.32 -4.44
C ASN A 80 0.61 13.10 -3.64
N GLN A 81 0.31 12.59 -2.45
CA GLN A 81 -0.54 13.22 -1.42
C GLN A 81 -2.01 13.39 -1.85
N THR A 82 -2.46 12.67 -2.87
CA THR A 82 -3.87 12.45 -3.18
C THR A 82 -4.10 10.94 -3.17
N GLU A 83 -5.37 10.51 -3.31
CA GLU A 83 -5.63 9.08 -3.34
C GLU A 83 -5.76 8.50 -4.74
N LEU A 84 -5.95 9.31 -5.78
CA LEU A 84 -5.95 8.81 -7.15
C LEU A 84 -4.77 9.36 -7.95
N PHE A 85 -4.29 8.53 -8.88
CA PHE A 85 -3.13 8.89 -9.69
C PHE A 85 -3.44 8.66 -11.15
N VAL A 86 -3.33 9.72 -11.95
CA VAL A 86 -3.51 9.65 -13.39
C VAL A 86 -2.26 10.24 -14.03
N PRO A 87 -1.52 9.46 -14.80
CA PRO A 87 -0.36 10.01 -15.50
C PRO A 87 -0.80 10.88 -16.67
N SER A 88 -0.03 11.94 -16.90
CA SER A 88 -0.16 12.72 -18.12
C SER A 88 0.59 11.99 -19.23
N LEU A 89 1.04 12.72 -20.25
CA LEU A 89 1.91 12.13 -21.27
C LEU A 89 3.36 12.47 -20.96
N ASN A 90 4.24 11.51 -21.20
CA ASN A 90 5.68 11.72 -21.02
C ASN A 90 6.17 12.87 -21.89
N VAL A 91 6.36 14.04 -21.30
CA VAL A 91 6.91 15.16 -22.05
C VAL A 91 8.41 14.95 -22.19
N ASP A 92 8.87 14.80 -23.43
CA ASP A 92 10.29 14.59 -23.74
C ASP A 92 10.78 13.22 -23.31
N GLY A 93 9.89 12.26 -23.13
CA GLY A 93 10.31 10.95 -22.66
C GLY A 93 10.85 10.94 -21.24
N GLN A 94 10.46 11.91 -20.42
CA GLN A 94 10.88 11.70 -19.05
C GLN A 94 9.79 10.97 -18.27
N PRO A 95 10.16 10.12 -17.31
CA PRO A 95 9.14 9.33 -16.60
C PRO A 95 8.28 10.21 -15.70
N ILE A 96 7.10 9.66 -15.36
CA ILE A 96 6.18 10.26 -14.39
C ILE A 96 6.39 9.57 -13.03
N PHE A 97 6.40 10.34 -11.96
CA PHE A 97 6.69 9.82 -10.63
C PHE A 97 5.44 9.74 -9.77
N ALA A 98 5.21 8.57 -9.17
CA ALA A 98 4.08 8.36 -8.25
C ALA A 98 4.65 7.97 -6.89
N ASN A 99 4.55 8.88 -5.92
CA ASN A 99 5.19 8.72 -4.63
C ASN A 99 4.17 8.22 -3.62
N ILE A 100 4.31 6.96 -3.18
CA ILE A 100 3.33 6.32 -2.29
C ILE A 100 3.72 6.56 -0.84
N THR A 101 2.83 7.20 -0.09
CA THR A 101 3.08 7.49 1.32
C THR A 101 1.92 7.01 2.18
N LEU A 102 2.18 6.90 3.47
CA LEU A 102 1.11 6.83 4.43
C LEU A 102 0.33 8.14 4.42
N PRO A 103 -0.97 8.10 4.67
CA PRO A 103 -1.68 9.31 5.08
C PRO A 103 -1.59 9.47 6.58
N VAL A 104 -1.87 10.69 7.03
CA VAL A 104 -2.00 10.91 8.46
C VAL A 104 -3.39 10.44 8.88
N TYR A 105 -3.48 9.18 9.32
CA TYR A 105 -4.75 8.64 9.74
C TYR A 105 -5.27 9.38 10.97
N THR A 106 -6.58 9.38 11.13
CA THR A 106 -7.12 9.80 12.41
C THR A 106 -6.69 8.79 13.46
N LEU A 107 -6.58 9.25 14.71
CA LEU A 107 -6.25 8.32 15.79
C LEU A 107 -7.20 7.12 15.80
N LYS A 108 -8.50 7.38 15.65
CA LYS A 108 -9.48 6.30 15.67
C LYS A 108 -9.18 5.27 14.59
N GLU A 109 -9.08 5.72 13.34
CA GLU A 109 -8.81 4.79 12.25
C GLU A 109 -7.45 4.10 12.41
N ARG A 110 -6.51 4.72 13.14
CA ARG A 110 -5.23 4.07 13.34
C ARG A 110 -5.31 2.98 14.40
N CYS A 111 -6.08 3.20 15.46
CA CYS A 111 -6.29 2.12 16.43
C CYS A 111 -7.13 0.99 15.83
N LEU A 112 -8.20 1.32 15.10
CA LEU A 112 -8.99 0.26 14.47
C LEU A 112 -8.11 -0.60 13.58
N GLN A 113 -7.18 0.01 12.85
CA GLN A 113 -6.18 -0.76 12.11
C GLN A 113 -5.40 -1.69 13.04
N VAL A 114 -5.00 -1.18 14.21
CA VAL A 114 -4.12 -1.97 15.06
C VAL A 114 -4.86 -3.16 15.65
N VAL A 115 -6.08 -2.94 16.16
CA VAL A 115 -6.74 -4.06 16.85
C VAL A 115 -7.33 -5.05 15.85
N ARG A 116 -7.69 -4.61 14.64
CA ARG A 116 -7.96 -5.58 13.59
C ARG A 116 -6.72 -6.45 13.35
N SER A 117 -5.55 -5.84 13.46
CA SER A 117 -4.30 -6.58 13.36
C SER A 117 -4.11 -7.62 14.46
N LEU A 118 -4.77 -7.49 15.62
CA LEU A 118 -4.47 -8.39 16.72
C LEU A 118 -5.58 -9.36 17.10
N VAL A 119 -6.84 -9.07 16.76
CA VAL A 119 -7.96 -9.95 17.10
C VAL A 119 -8.71 -10.29 15.83
N LYS A 120 -9.05 -11.60 15.67
CA LYS A 120 -9.77 -12.11 14.52
C LYS A 120 -11.22 -11.60 14.52
N PRO A 121 -11.79 -11.33 13.34
CA PRO A 121 -13.14 -10.71 13.31
C PRO A 121 -14.21 -11.54 13.97
N GLU A 122 -14.05 -12.87 14.03
CA GLU A 122 -14.95 -13.73 14.78
C GLU A 122 -15.07 -13.28 16.23
N ASN A 123 -14.09 -12.53 16.74
CA ASN A 123 -14.00 -12.23 18.16
C ASN A 123 -13.97 -10.74 18.45
N TYR A 124 -14.40 -9.90 17.49
CA TYR A 124 -14.48 -8.46 17.77
C TYR A 124 -15.41 -8.18 18.94
N ARG A 125 -16.57 -8.81 18.94
CA ARG A 125 -17.59 -8.51 19.95
C ARG A 125 -17.33 -9.22 21.28
N ARG A 126 -16.17 -9.85 21.45
CA ARG A 126 -15.71 -10.30 22.76
C ARG A 126 -14.82 -9.28 23.44
N LEU A 127 -14.72 -8.07 22.89
CA LEU A 127 -13.91 -7.00 23.46
C LEU A 127 -14.80 -6.06 24.24
N ASP A 128 -14.41 -5.71 25.47
CA ASP A 128 -15.23 -4.81 26.27
C ASP A 128 -14.95 -3.38 25.81
N ILE A 129 -15.67 -3.02 24.75
CA ILE A 129 -15.74 -1.66 24.24
C ILE A 129 -17.19 -1.41 23.87
N VAL A 130 -17.59 -0.13 23.90
CA VAL A 130 -18.94 0.23 23.48
C VAL A 130 -19.20 -0.34 22.10
N ARG A 131 -20.43 -0.86 21.90
CA ARG A 131 -20.76 -1.53 20.65
C ARG A 131 -20.72 -0.59 19.45
N SER A 132 -20.74 0.72 19.68
CA SER A 132 -20.53 1.66 18.60
C SER A 132 -19.27 1.33 17.81
N LEU A 133 -18.28 0.72 18.46
CA LEU A 133 -17.00 0.41 17.86
C LEU A 133 -16.91 -1.00 17.30
N TYR A 134 -17.86 -1.88 17.64
CA TYR A 134 -17.92 -3.17 16.97
C TYR A 134 -18.22 -3.00 15.49
N GLU A 135 -19.27 -2.24 15.16
CA GLU A 135 -19.59 -1.98 13.77
C GLU A 135 -18.47 -1.25 13.06
N ASP A 136 -17.76 -0.36 13.77
CA ASP A 136 -16.63 0.36 13.19
C ASP A 136 -15.49 -0.59 12.85
N LEU A 137 -15.16 -1.50 13.75
CA LEU A 137 -14.18 -2.55 13.46
C LEU A 137 -14.58 -3.35 12.22
N GLU A 138 -15.84 -3.79 12.17
CA GLU A 138 -16.30 -4.61 11.06
C GLU A 138 -16.36 -3.87 9.74
N ASP A 139 -16.42 -2.53 9.77
CA ASP A 139 -16.39 -1.72 8.56
C ASP A 139 -14.95 -1.71 8.03
N HIS A 140 -14.54 -2.88 7.53
CA HIS A 140 -13.17 -3.06 7.09
C HIS A 140 -12.88 -2.16 5.89
N PRO A 141 -11.68 -1.59 5.79
CA PRO A 141 -11.35 -0.77 4.63
C PRO A 141 -11.51 -1.56 3.34
N ASN A 142 -12.17 -0.94 2.37
CA ASN A 142 -12.51 -1.58 1.11
C ASN A 142 -12.38 -0.53 0.01
N VAL A 143 -11.94 -0.97 -1.16
CA VAL A 143 -11.63 -0.01 -2.22
C VAL A 143 -12.87 0.38 -3.04
N GLN A 144 -13.89 -0.47 -3.13
CA GLN A 144 -15.07 0.03 -3.83
C GLN A 144 -15.95 0.88 -2.93
N LYS A 145 -15.84 0.72 -1.61
CA LYS A 145 -16.47 1.70 -0.74
C LYS A 145 -15.82 3.06 -0.89
N ASP A 146 -14.52 3.10 -1.14
CA ASP A 146 -13.83 4.38 -1.33
C ASP A 146 -14.11 4.94 -2.72
N LEU A 147 -14.14 4.08 -3.74
CA LEU A 147 -14.60 4.50 -5.07
C LEU A 147 -15.95 5.18 -4.99
N GLU A 148 -16.89 4.57 -4.25
CA GLU A 148 -18.18 5.18 -3.99
C GLU A 148 -18.01 6.63 -3.55
N ARG A 149 -17.19 6.87 -2.53
CA ARG A 149 -16.99 8.22 -2.03
C ARG A 149 -16.33 9.11 -3.08
N LEU A 150 -15.30 8.61 -3.75
CA LEU A 150 -14.52 9.45 -4.64
C LEU A 150 -15.32 9.90 -5.87
N THR A 151 -16.12 9.01 -6.46
CA THR A 151 -16.94 9.44 -7.59
C THR A 151 -17.91 10.53 -7.15
N GLN A 152 -18.54 10.36 -5.99
CA GLN A 152 -19.47 11.38 -5.51
C GLN A 152 -18.74 12.59 -4.93
N GLU A 153 -17.42 12.51 -4.77
CA GLU A 153 -16.68 13.72 -4.48
C GLU A 153 -16.39 14.51 -5.76
N ARG A 154 -16.21 13.81 -6.87
CA ARG A 154 -15.95 14.50 -8.13
C ARG A 154 -17.22 15.04 -8.77
N ILE A 155 -18.37 14.38 -8.58
CA ILE A 155 -19.62 14.96 -9.07
C ILE A 155 -19.84 16.34 -8.47
N ALA A 156 -19.50 16.52 -7.19
CA ALA A 156 -19.62 17.83 -6.56
C ALA A 156 -18.31 18.59 -6.75
N HIS A 157 -18.18 19.21 -7.93
CA HIS A 157 -16.94 19.80 -8.41
C HIS A 157 -16.26 20.72 -7.40
N MET B 1 16.78 20.85 12.53
CA MET B 1 16.39 19.52 13.01
C MET B 1 15.71 19.63 14.37
N ASP B 2 14.46 19.18 14.43
CA ASP B 2 13.63 19.36 15.60
C ASP B 2 13.57 18.10 16.44
N VAL B 3 13.71 18.27 17.75
CA VAL B 3 13.48 17.19 18.70
C VAL B 3 12.19 17.50 19.45
N PHE B 4 11.54 16.45 19.94
CA PHE B 4 10.22 16.57 20.56
C PHE B 4 10.28 15.99 21.95
N LEU B 5 9.86 16.77 22.95
CA LEU B 5 10.11 16.41 24.34
C LEU B 5 8.84 16.47 25.17
N MET B 6 8.84 15.67 26.25
CA MET B 6 7.93 15.83 27.38
C MET B 6 8.77 16.26 28.56
N ILE B 7 8.61 17.51 28.98
CA ILE B 7 9.23 17.99 30.21
C ILE B 7 8.32 17.61 31.38
N ARG B 8 8.86 16.85 32.33
CA ARG B 8 8.05 16.20 33.36
C ARG B 8 8.53 16.55 34.76
N ARG B 9 7.57 16.88 35.63
CA ARG B 9 7.82 17.06 37.06
C ARG B 9 6.53 16.74 37.79
N HIS B 10 6.64 15.96 38.86
CA HIS B 10 5.47 15.51 39.60
C HIS B 10 4.40 14.99 38.64
N LYS B 11 3.21 15.60 38.66
CA LYS B 11 2.11 15.17 37.80
C LYS B 11 1.89 16.13 36.62
N THR B 12 2.87 16.97 36.32
CA THR B 12 2.80 17.93 35.24
C THR B 12 3.75 17.49 34.12
N THR B 13 3.23 17.39 32.90
CA THR B 13 4.08 17.07 31.75
C THR B 13 3.76 18.01 30.60
N ILE B 14 4.81 18.59 30.02
CA ILE B 14 4.71 19.60 28.97
C ILE B 14 5.08 18.97 27.64
N PHE B 15 4.25 19.17 26.63
CA PHE B 15 4.57 18.74 25.28
C PHE B 15 5.05 19.97 24.52
N THR B 16 6.32 19.96 24.12
CA THR B 16 6.91 21.03 23.34
C THR B 16 8.03 20.48 22.48
N ASP B 17 8.53 21.32 21.58
CA ASP B 17 9.59 20.96 20.66
C ASP B 17 10.69 22.01 20.73
N ALA B 18 11.83 21.67 20.12
CA ALA B 18 12.99 22.54 20.06
C ALA B 18 13.91 22.02 18.96
N LYS B 19 14.87 22.86 18.59
CA LYS B 19 15.90 22.44 17.64
C LYS B 19 17.05 21.72 18.35
N GLU B 20 17.54 20.65 17.73
CA GLU B 20 18.70 19.93 18.24
C GLU B 20 19.86 20.86 18.55
N SER B 21 19.95 21.99 17.86
CA SER B 21 21.02 22.96 18.02
C SER B 21 20.70 24.02 19.06
N SER B 22 19.51 23.98 19.68
CA SER B 22 19.20 24.91 20.77
C SER B 22 19.73 24.37 22.09
N THR B 23 20.06 25.29 23.00
CA THR B 23 20.75 24.94 24.23
C THR B 23 19.75 24.70 25.37
N VAL B 24 20.29 24.16 26.48
CA VAL B 24 19.47 23.82 27.63
C VAL B 24 18.93 25.08 28.29
N PHE B 25 19.73 26.13 28.34
CA PHE B 25 19.23 27.39 28.88
C PHE B 25 18.02 27.87 28.10
N GLU B 26 18.12 27.87 26.76
CA GLU B 26 16.98 28.26 25.93
C GLU B 26 15.74 27.46 26.26
N LEU B 27 15.90 26.19 26.66
CA LEU B 27 14.76 25.37 27.05
C LEU B 27 14.16 25.83 28.38
N LYS B 28 15.01 26.20 29.33
CA LYS B 28 14.49 26.78 30.56
C LYS B 28 13.73 28.08 30.27
N ARG B 29 14.12 28.80 29.22
CA ARG B 29 13.44 30.04 28.88
C ARG B 29 11.97 29.81 28.53
N ILE B 30 11.67 28.72 27.83
CA ILE B 30 10.28 28.48 27.48
C ILE B 30 9.53 27.81 28.63
N VAL B 31 10.21 26.99 29.44
CA VAL B 31 9.61 26.50 30.67
C VAL B 31 9.24 27.68 31.57
N GLU B 32 10.03 28.75 31.53
CA GLU B 32 9.68 29.98 32.21
C GLU B 32 8.38 30.55 31.66
N GLY B 33 8.21 30.52 30.34
CA GLY B 33 7.00 31.07 29.76
C GLY B 33 5.74 30.27 30.05
N ILE B 34 5.86 29.07 30.61
CA ILE B 34 4.72 28.21 30.84
C ILE B 34 4.38 28.11 32.32
N LEU B 35 5.39 27.81 33.16
CA LEU B 35 5.20 27.69 34.60
C LEU B 35 5.81 28.85 35.38
N LYS B 36 6.29 29.88 34.68
CA LYS B 36 6.70 31.15 35.28
C LYS B 36 7.62 30.95 36.48
N ARG B 37 8.81 30.42 36.18
CA ARG B 37 9.93 30.39 37.10
C ARG B 37 11.17 30.71 36.27
N PRO B 38 12.07 31.54 36.76
CA PRO B 38 13.24 31.93 35.97
C PRO B 38 14.20 30.77 35.83
N PRO B 39 15.05 30.78 34.81
CA PRO B 39 15.96 29.64 34.59
C PRO B 39 16.92 29.38 35.74
N ASP B 40 17.23 30.40 36.55
CA ASP B 40 18.09 30.19 37.71
C ASP B 40 17.41 29.37 38.80
N GLU B 41 16.09 29.19 38.73
CA GLU B 41 15.35 28.38 39.67
C GLU B 41 14.95 27.03 39.08
N GLN B 42 15.71 26.53 38.11
CA GLN B 42 15.34 25.32 37.38
C GLN B 42 16.51 24.37 37.24
N ARG B 43 16.21 23.08 37.30
CA ARG B 43 17.15 22.01 37.02
C ARG B 43 16.52 21.09 35.98
N LEU B 44 17.29 20.76 34.94
CA LEU B 44 16.82 19.91 33.85
C LEU B 44 17.70 18.67 33.79
N TYR B 45 17.07 17.51 33.66
CA TYR B 45 17.76 16.23 33.70
C TYR B 45 17.42 15.40 32.48
N LYS B 46 18.36 14.55 32.07
CA LYS B 46 18.11 13.47 31.12
C LYS B 46 18.36 12.19 31.90
N ASP B 47 17.27 11.49 32.25
CA ASP B 47 17.29 10.42 33.23
C ASP B 47 17.79 10.97 34.57
N ASP B 48 19.03 10.64 34.93
CA ASP B 48 19.57 11.05 36.21
C ASP B 48 20.64 12.13 36.12
N GLN B 49 21.08 12.49 34.92
CA GLN B 49 22.19 13.43 34.76
C GLN B 49 21.66 14.85 34.58
N LEU B 50 22.08 15.74 35.48
CA LEU B 50 21.79 17.15 35.33
C LEU B 50 22.42 17.68 34.04
N LEU B 51 21.75 18.63 33.40
CA LEU B 51 22.15 19.13 32.10
C LEU B 51 22.74 20.52 32.22
N ASP B 52 23.92 20.70 31.61
CA ASP B 52 24.61 21.99 31.58
C ASP B 52 23.76 23.04 30.86
N ASP B 53 23.72 24.25 31.42
CA ASP B 53 22.92 25.32 30.81
C ASP B 53 23.37 25.61 29.38
N GLY B 54 24.67 25.56 29.11
CA GLY B 54 25.21 25.94 27.83
C GLY B 54 25.42 24.83 26.82
N LYS B 55 25.14 23.58 27.20
CA LYS B 55 25.24 22.47 26.27
C LYS B 55 24.02 22.44 25.35
N THR B 56 24.25 22.12 24.08
CA THR B 56 23.15 22.02 23.13
C THR B 56 22.47 20.66 23.26
N LEU B 57 21.16 20.62 22.97
CA LEU B 57 20.39 19.41 23.27
C LEU B 57 20.93 18.20 22.52
N GLY B 58 21.37 18.39 21.27
CA GLY B 58 22.01 17.30 20.57
C GLY B 58 23.19 16.75 21.33
N GLU B 59 23.94 17.62 22.01
CA GLU B 59 25.10 17.19 22.78
C GLU B 59 24.73 16.49 24.09
N CYS B 60 23.50 16.66 24.58
CA CYS B 60 23.04 15.93 25.76
C CYS B 60 22.36 14.61 25.44
N GLY B 61 22.02 14.36 24.18
CA GLY B 61 21.47 13.08 23.77
C GLY B 61 20.11 13.15 23.12
N PHE B 62 19.55 14.32 22.86
CA PHE B 62 18.24 14.47 22.25
C PHE B 62 18.44 14.75 20.75
N THR B 63 18.10 13.77 19.92
CA THR B 63 18.37 13.88 18.49
C THR B 63 17.16 13.40 17.69
N SER B 64 17.32 13.49 16.37
CA SER B 64 16.34 13.11 15.35
C SER B 64 15.56 11.84 15.65
N GLN B 65 16.26 10.75 15.97
CA GLN B 65 15.63 9.46 16.16
C GLN B 65 15.39 9.12 17.63
N THR B 66 15.87 9.92 18.57
CA THR B 66 15.64 9.65 19.99
C THR B 66 14.45 10.42 20.55
N ALA B 67 14.00 11.49 19.87
CA ALA B 67 12.94 12.36 20.37
C ALA B 67 12.05 12.73 19.18
N ARG B 68 11.14 11.83 18.85
CA ARG B 68 10.28 11.98 17.69
C ARG B 68 8.88 12.39 18.11
N PRO B 69 8.09 13.00 17.21
CA PRO B 69 6.76 13.48 17.62
C PRO B 69 5.87 12.40 18.21
N GLN B 70 5.83 11.22 17.58
CA GLN B 70 5.03 10.10 18.05
C GLN B 70 5.67 9.33 19.20
N ALA B 71 6.87 9.71 19.62
CA ALA B 71 7.57 9.05 20.70
C ALA B 71 8.57 10.04 21.32
N PRO B 72 8.08 11.09 21.97
CA PRO B 72 8.99 12.12 22.46
C PRO B 72 9.86 11.62 23.61
N ALA B 73 11.00 12.29 23.77
CA ALA B 73 11.91 12.00 24.86
C ALA B 73 11.47 12.75 26.11
N THR B 74 12.03 12.36 27.25
CA THR B 74 11.60 12.89 28.54
C THR B 74 12.70 13.73 29.16
N VAL B 75 12.32 14.92 29.64
CA VAL B 75 13.22 15.82 30.34
C VAL B 75 12.67 16.04 31.75
N GLY B 76 13.47 15.69 32.75
CA GLY B 76 13.06 15.90 34.12
C GLY B 76 13.25 17.34 34.55
N LEU B 77 12.36 17.80 35.42
CA LEU B 77 12.34 19.18 35.88
C LEU B 77 12.27 19.22 37.40
N ALA B 78 13.09 20.07 38.01
CA ALA B 78 13.05 20.31 39.45
C ALA B 78 13.20 21.79 39.70
N PHE B 79 12.33 22.33 40.56
CA PHE B 79 12.37 23.74 40.92
C PHE B 79 13.16 23.92 42.22
N ARG B 80 13.50 25.18 42.49
CA ARG B 80 14.12 25.55 43.75
C ARG B 80 13.03 25.85 44.77
N ALA B 81 13.20 25.34 45.98
CA ALA B 81 12.33 25.72 47.08
C ALA B 81 12.34 27.23 47.22
N ASP B 82 13.35 27.75 47.93
CA ASP B 82 13.82 29.11 47.70
C ASP B 82 15.21 29.26 48.28
N ASP B 83 15.62 28.33 49.16
CA ASP B 83 17.04 28.22 49.40
C ASP B 83 17.64 27.38 48.28
N THR B 84 17.55 26.05 48.39
CA THR B 84 18.05 25.20 47.31
C THR B 84 16.93 24.30 46.77
N PHE B 85 17.35 23.31 45.98
CA PHE B 85 16.48 22.59 45.06
C PHE B 85 15.77 21.42 45.72
N GLU B 86 14.60 21.10 45.18
CA GLU B 86 13.90 19.87 45.50
C GLU B 86 14.55 18.69 44.79
N ALA B 87 14.30 17.50 45.32
CA ALA B 87 14.73 16.28 44.63
C ALA B 87 13.89 16.08 43.38
N LEU B 88 14.54 15.61 42.31
CA LEU B 88 13.81 15.32 41.08
C LEU B 88 12.75 14.27 41.34
N CYS B 89 11.48 14.62 41.12
CA CYS B 89 10.38 13.70 41.35
C CYS B 89 9.45 13.69 40.14
N ILE B 90 9.21 12.49 39.60
CA ILE B 90 8.29 12.32 38.49
C ILE B 90 7.40 11.13 38.80
N GLU B 91 6.09 11.35 38.84
CA GLU B 91 5.16 10.24 39.02
C GLU B 91 4.87 9.58 37.68
N PRO B 92 5.00 8.25 37.58
CA PRO B 92 4.71 7.58 36.31
C PRO B 92 3.23 7.65 35.96
N PHE B 93 2.94 7.43 34.68
CA PHE B 93 1.56 7.34 34.26
C PHE B 93 0.95 6.03 34.77
N SER B 94 -0.36 5.92 34.61
CA SER B 94 -1.06 4.71 35.03
C SER B 94 -0.67 3.54 34.13
N SER B 95 -1.06 2.35 34.55
CA SER B 95 -0.71 1.20 33.73
C SER B 95 -1.94 0.61 33.07
N PRO B 96 -1.81 0.12 31.83
CA PRO B 96 -2.97 -0.47 31.15
C PRO B 96 -3.32 -1.81 31.74
N PRO B 97 -4.57 -2.26 31.59
CA PRO B 97 -4.91 -3.61 32.04
C PRO B 97 -4.13 -4.64 31.24
N GLU B 98 -3.94 -5.80 31.86
CA GLU B 98 -3.18 -6.83 31.18
C GLU B 98 -3.95 -7.31 29.95
N LEU B 99 -3.18 -7.63 28.92
CA LEU B 99 -3.70 -7.79 27.58
C LEU B 99 -4.83 -8.81 27.54
N PRO B 100 -5.97 -8.49 26.93
CA PRO B 100 -7.01 -9.51 26.77
C PRO B 100 -6.47 -10.68 25.96
N ASP B 101 -6.79 -11.90 26.41
CA ASP B 101 -6.28 -13.07 25.72
C ASP B 101 -6.85 -13.19 24.31
N VAL B 102 -7.97 -12.52 24.03
CA VAL B 102 -8.50 -12.48 22.67
C VAL B 102 -7.55 -11.76 21.71
N MET B 103 -6.60 -10.98 22.24
CA MET B 103 -5.55 -10.34 21.43
C MET B 103 -4.22 -11.05 21.61
N LYS B 104 -4.26 -12.37 21.74
CA LYS B 104 -3.08 -13.20 21.99
C LYS B 104 -2.41 -12.81 23.30
N MET C 1 -1.63 30.31 24.63
CA MET C 1 -1.19 29.45 23.55
C MET C 1 -1.17 27.97 24.00
N TYR C 2 -1.00 27.77 25.29
CA TYR C 2 -1.00 26.44 25.90
C TYR C 2 -2.27 26.23 26.70
N VAL C 3 -2.77 25.00 26.71
CA VAL C 3 -3.92 24.62 27.52
C VAL C 3 -3.57 23.36 28.30
N LYS C 4 -4.25 23.18 29.42
CA LYS C 4 -3.97 22.08 30.35
C LYS C 4 -5.04 21.01 30.22
N LEU C 5 -4.62 19.79 29.88
CA LEU C 5 -5.48 18.63 29.83
C LEU C 5 -5.21 17.75 31.04
N ILE C 6 -6.26 17.41 31.77
CA ILE C 6 -6.14 16.66 33.03
C ILE C 6 -6.78 15.30 32.87
N SER C 7 -6.07 14.27 33.27
CA SER C 7 -6.53 12.90 33.13
C SER C 7 -7.41 12.49 34.32
N SER C 8 -7.94 11.27 34.25
CA SER C 8 -8.77 10.77 35.34
C SER C 8 -7.95 10.52 36.60
N ASP C 9 -6.69 10.12 36.47
CA ASP C 9 -5.82 9.92 37.63
C ASP C 9 -5.01 11.16 37.96
N GLY C 10 -5.42 12.32 37.48
CA GLY C 10 -4.88 13.57 37.97
C GLY C 10 -3.56 14.00 37.36
N HIS C 11 -3.19 13.46 36.21
CA HIS C 11 -1.99 13.93 35.52
C HIS C 11 -2.34 15.13 34.65
N GLU C 12 -1.56 16.19 34.78
CA GLU C 12 -1.76 17.41 34.01
C GLU C 12 -0.87 17.37 32.78
N PHE C 13 -1.46 17.69 31.62
CA PHE C 13 -0.77 17.69 30.34
C PHE C 13 -0.94 19.06 29.70
N ILE C 14 0.14 19.82 29.63
CA ILE C 14 0.12 21.13 28.99
C ILE C 14 0.64 20.96 27.57
N VAL C 15 -0.22 21.23 26.59
CA VAL C 15 0.11 21.14 25.18
C VAL C 15 -0.33 22.42 24.50
N LYS C 16 0.24 22.67 23.32
CA LYS C 16 -0.14 23.84 22.55
C LYS C 16 -1.62 23.79 22.18
N ARG C 17 -2.26 24.96 22.19
CA ARG C 17 -3.70 25.01 21.92
C ARG C 17 -4.01 24.46 20.53
N GLU C 18 -3.25 24.88 19.52
CA GLU C 18 -3.57 24.44 18.17
C GLU C 18 -3.27 22.94 17.99
N HIS C 19 -2.43 22.38 18.85
CA HIS C 19 -2.27 20.93 18.88
C HIS C 19 -3.54 20.26 19.37
N ALA C 20 -4.08 20.71 20.52
CA ALA C 20 -5.27 20.09 21.10
C ALA C 20 -6.48 20.20 20.19
N LEU C 21 -6.54 21.21 19.32
CA LEU C 21 -7.66 21.30 18.40
C LEU C 21 -7.61 20.23 17.32
N THR C 22 -6.59 19.38 17.34
CA THR C 22 -6.65 18.16 16.55
C THR C 22 -7.89 17.35 16.90
N SER C 23 -8.31 17.41 18.16
CA SER C 23 -9.51 16.71 18.62
C SER C 23 -10.75 17.48 18.18
N GLY C 24 -11.67 16.80 17.49
CA GLY C 24 -12.87 17.46 17.01
C GLY C 24 -13.74 17.97 18.14
N THR C 25 -13.83 17.21 19.24
CA THR C 25 -14.66 17.65 20.36
C THR C 25 -13.97 18.76 21.15
N ILE C 26 -12.64 18.71 21.27
CA ILE C 26 -11.94 19.82 21.92
C ILE C 26 -12.07 21.08 21.07
N LYS C 27 -12.01 20.92 19.74
CA LYS C 27 -12.18 22.07 18.86
C LYS C 27 -13.58 22.65 18.97
N ALA C 28 -14.58 21.78 19.16
CA ALA C 28 -15.94 22.27 19.34
C ALA C 28 -16.07 23.01 20.67
N MET C 29 -15.41 22.52 21.72
CA MET C 29 -15.46 23.16 23.03
C MET C 29 -14.87 24.56 22.99
N LEU C 30 -13.67 24.70 22.42
CA LEU C 30 -12.85 25.85 22.66
C LEU C 30 -12.84 26.85 21.51
N SER C 31 -13.42 26.51 20.36
CA SER C 31 -13.43 27.45 19.25
C SER C 31 -14.67 28.33 19.24
N GLY C 32 -15.80 27.87 19.77
CA GLY C 32 -16.98 28.68 19.84
C GLY C 32 -17.10 29.41 21.17
N PRO C 33 -18.33 29.57 21.65
CA PRO C 33 -18.56 30.31 22.91
C PRO C 33 -18.06 29.59 24.14
N GLY C 34 -17.57 28.36 24.03
CA GLY C 34 -16.93 27.72 25.16
C GLY C 34 -15.49 28.10 25.38
N GLN C 35 -14.94 28.99 24.56
CA GLN C 35 -13.58 29.45 24.74
C GLN C 35 -13.40 29.98 26.15
N PHE C 36 -12.24 29.75 26.73
CA PHE C 36 -11.96 30.26 28.07
C PHE C 36 -11.98 31.77 28.06
N ALA C 37 -12.88 32.36 28.85
CA ALA C 37 -12.69 33.75 29.24
C ALA C 37 -11.40 33.86 30.06
N GLU C 38 -10.76 35.03 30.02
CA GLU C 38 -9.49 35.19 30.73
C GLU C 38 -9.66 35.05 32.24
N ASN C 39 -10.83 35.31 32.79
CA ASN C 39 -11.03 35.07 34.22
C ASN C 39 -11.04 33.59 34.58
N GLU C 40 -11.02 32.70 33.60
CA GLU C 40 -11.04 31.25 33.80
C GLU C 40 -9.65 30.65 33.64
N THR C 41 -9.49 29.43 34.13
CA THR C 41 -8.26 28.66 33.94
C THR C 41 -8.39 27.77 32.72
N ASN C 42 -7.31 27.68 31.94
CA ASN C 42 -7.31 26.88 30.70
C ASN C 42 -7.08 25.40 31.04
N GLU C 43 -8.08 24.81 31.69
CA GLU C 43 -8.06 23.42 32.11
C GLU C 43 -9.27 22.70 31.55
N VAL C 44 -9.06 21.48 31.06
CA VAL C 44 -10.14 20.61 30.65
C VAL C 44 -9.93 19.27 31.35
N ASN C 45 -10.89 18.86 32.16
CA ASN C 45 -10.80 17.60 32.90
C ASN C 45 -11.43 16.48 32.08
N PHE C 46 -10.66 15.45 31.81
CA PHE C 46 -11.16 14.23 31.18
C PHE C 46 -11.19 13.17 32.29
N ARG C 47 -12.33 13.04 32.94
CA ARG C 47 -12.39 12.27 34.16
C ARG C 47 -12.54 10.78 33.92
N GLU C 48 -12.48 10.33 32.67
CA GLU C 48 -12.56 8.92 32.34
C GLU C 48 -11.46 8.47 31.40
N ILE C 49 -10.51 9.35 31.07
CA ILE C 49 -9.37 9.01 30.22
C ILE C 49 -8.14 8.96 31.12
N PRO C 50 -7.56 7.78 31.38
CA PRO C 50 -6.39 7.70 32.25
C PRO C 50 -5.16 8.31 31.60
N SER C 51 -4.13 8.50 32.42
CA SER C 51 -2.97 9.28 31.99
C SER C 51 -2.16 8.55 30.93
N HIS C 52 -2.05 7.22 31.04
CA HIS C 52 -1.23 6.51 30.07
C HIS C 52 -1.82 6.57 28.67
N VAL C 53 -3.13 6.81 28.55
CA VAL C 53 -3.70 7.01 27.22
C VAL C 53 -3.79 8.49 26.86
N LEU C 54 -4.02 9.37 27.85
CA LEU C 54 -4.04 10.79 27.54
C LEU C 54 -2.68 11.29 27.06
N SER C 55 -1.60 10.87 27.73
CA SER C 55 -0.26 11.15 27.23
C SER C 55 -0.08 10.63 25.80
N LYS C 56 -0.59 9.43 25.52
CA LYS C 56 -0.54 8.92 24.16
C LYS C 56 -1.32 9.83 23.20
N VAL C 57 -2.41 10.44 23.67
CA VAL C 57 -3.24 11.23 22.78
C VAL C 57 -2.50 12.49 22.33
N CYS C 58 -1.79 13.14 23.25
CA CYS C 58 -1.02 14.32 22.88
C CYS C 58 0.20 13.97 22.03
N MET C 59 0.70 12.73 22.15
CA MET C 59 1.70 12.27 21.20
C MET C 59 1.14 12.23 19.79
N TYR C 60 -0.11 11.78 19.63
CA TYR C 60 -0.76 11.85 18.33
C TYR C 60 -0.93 13.29 17.88
N PHE C 61 -1.21 14.20 18.83
CA PHE C 61 -1.40 15.60 18.47
C PHE C 61 -0.16 16.15 17.78
N THR C 62 1.00 16.01 18.43
CA THR C 62 2.23 16.49 17.84
C THR C 62 2.53 15.76 16.53
N TYR C 63 2.28 14.45 16.49
CA TYR C 63 2.45 13.68 15.26
C TYR C 63 1.63 14.27 14.13
N LYS C 64 0.33 14.50 14.37
CA LYS C 64 -0.53 14.97 13.31
C LYS C 64 -0.12 16.36 12.86
N VAL C 65 0.19 17.24 13.81
CA VAL C 65 0.55 18.61 13.45
C VAL C 65 1.86 18.62 12.66
N ARG C 66 2.76 17.71 12.99
CA ARG C 66 4.08 17.72 12.34
C ARG C 66 3.98 17.23 10.90
N TYR C 67 3.22 16.17 10.65
CA TYR C 67 3.29 15.47 9.38
C TYR C 67 2.12 15.74 8.44
N THR C 68 1.18 16.61 8.84
CA THR C 68 0.00 16.84 8.01
C THR C 68 0.37 17.42 6.65
N ASN C 69 1.41 18.26 6.59
CA ASN C 69 1.78 18.90 5.34
C ASN C 69 3.14 18.44 4.82
N SER C 70 3.79 17.50 5.51
CA SER C 70 4.90 16.73 4.93
C SER C 70 4.52 16.28 3.52
N SER C 71 5.47 16.29 2.58
CA SER C 71 5.04 16.04 1.20
C SER C 71 5.65 14.83 0.51
N THR C 72 6.55 14.08 1.17
CA THR C 72 7.28 13.01 0.53
C THR C 72 7.34 11.71 1.32
N GLU C 73 7.22 11.75 2.65
CA GLU C 73 7.26 10.55 3.47
C GLU C 73 6.86 10.90 4.89
N ILE C 74 6.09 10.03 5.51
CA ILE C 74 5.73 10.17 6.92
C ILE C 74 5.89 8.82 7.62
N PRO C 75 6.26 8.80 8.90
CA PRO C 75 6.34 7.53 9.62
C PRO C 75 4.95 7.06 10.03
N GLU C 76 4.92 5.85 10.58
CA GLU C 76 3.70 5.25 11.10
C GLU C 76 3.51 5.62 12.56
N PHE C 77 2.26 5.85 12.95
CA PHE C 77 1.99 6.13 14.35
C PHE C 77 1.92 4.84 15.15
N PRO C 78 2.88 4.58 16.04
CA PRO C 78 2.91 3.31 16.77
C PRO C 78 1.90 3.24 17.90
N ILE C 79 1.25 2.09 18.02
CA ILE C 79 0.30 1.83 19.10
C ILE C 79 0.61 0.46 19.69
N ALA C 80 1.06 0.43 20.94
CA ALA C 80 1.24 -0.83 21.66
C ALA C 80 -0.09 -1.55 21.82
N PRO C 81 -0.08 -2.90 21.88
CA PRO C 81 -1.35 -3.63 22.00
C PRO C 81 -2.06 -3.42 23.34
N GLU C 82 -1.31 -3.15 24.41
CA GLU C 82 -1.95 -3.02 25.73
C GLU C 82 -2.83 -1.77 25.78
N ILE C 83 -2.42 -0.70 25.12
CA ILE C 83 -3.18 0.55 25.16
C ILE C 83 -4.14 0.66 23.99
N ALA C 84 -4.11 -0.28 23.05
CA ALA C 84 -4.89 -0.15 21.83
C ALA C 84 -6.39 0.02 22.12
N LEU C 85 -6.95 -0.87 22.96
CA LEU C 85 -8.38 -0.77 23.24
C LEU C 85 -8.72 0.53 23.97
N GLU C 86 -7.96 0.86 25.02
CA GLU C 86 -8.23 2.10 25.74
C GLU C 86 -7.99 3.34 24.88
N LEU C 87 -7.02 3.28 23.97
CA LEU C 87 -6.77 4.43 23.09
C LEU C 87 -7.90 4.60 22.10
N LEU C 88 -8.44 3.49 21.57
CA LEU C 88 -9.52 3.58 20.60
C LEU C 88 -10.78 4.20 21.22
N MET C 89 -11.01 3.96 22.51
CA MET C 89 -12.15 4.57 23.17
C MET C 89 -11.94 6.07 23.37
N ALA C 90 -10.72 6.47 23.70
CA ALA C 90 -10.45 7.91 23.84
C ALA C 90 -10.50 8.61 22.51
N ALA C 91 -10.12 7.94 21.42
CA ALA C 91 -10.17 8.58 20.12
C ALA C 91 -11.61 8.74 19.65
N ASN C 92 -12.44 7.72 19.90
CA ASN C 92 -13.84 7.84 19.56
C ASN C 92 -14.50 8.98 20.33
N PHE C 93 -14.15 9.14 21.60
CA PHE C 93 -14.72 10.23 22.39
C PHE C 93 -14.18 11.58 21.95
N LEU C 94 -12.87 11.66 21.67
CA LEU C 94 -12.27 12.93 21.31
C LEU C 94 -12.50 13.31 19.86
N ASP C 95 -13.04 12.39 19.05
CA ASP C 95 -13.32 12.63 17.64
C ASP C 95 -12.06 13.14 16.94
N CYS C 96 -11.10 12.24 16.81
CA CYS C 96 -9.87 12.55 16.10
C CYS C 96 -9.12 11.29 15.70
N VAL D 7 -12.23 -14.41 -46.31
CA VAL D 7 -11.96 -14.11 -44.92
C VAL D 7 -13.24 -13.75 -44.17
N LEU D 8 -13.31 -14.21 -42.92
CA LEU D 8 -14.34 -13.81 -41.98
C LEU D 8 -13.66 -12.99 -40.89
N LYS D 9 -14.02 -11.70 -40.79
CA LYS D 9 -13.32 -10.79 -39.89
C LYS D 9 -14.06 -10.67 -38.56
N PRO D 10 -13.54 -11.18 -37.45
CA PRO D 10 -14.24 -11.05 -36.16
C PRO D 10 -14.37 -9.58 -35.75
N ARG D 11 -15.60 -9.16 -35.48
CA ARG D 11 -15.84 -7.76 -35.09
C ARG D 11 -15.42 -7.48 -33.66
N THR D 12 -15.52 -8.48 -32.77
CA THR D 12 -15.15 -8.35 -31.37
C THR D 12 -14.46 -9.63 -30.94
N LEU D 13 -13.90 -9.61 -29.74
CA LEU D 13 -13.31 -10.83 -29.20
C LEU D 13 -14.39 -11.90 -28.97
N ALA D 14 -15.55 -11.48 -28.46
CA ALA D 14 -16.65 -12.43 -28.30
C ALA D 14 -17.04 -13.05 -29.64
N ASP D 15 -17.04 -12.25 -30.71
CA ASP D 15 -17.34 -12.79 -32.03
C ASP D 15 -16.32 -13.86 -32.43
N LEU D 16 -15.04 -13.58 -32.19
CA LEU D 16 -14.01 -14.56 -32.51
C LEU D 16 -14.23 -15.86 -31.74
N ILE D 17 -14.72 -15.76 -30.50
CA ILE D 17 -14.93 -16.94 -29.68
C ILE D 17 -16.14 -17.73 -30.18
N ARG D 18 -17.21 -17.02 -30.57
CA ARG D 18 -18.36 -17.69 -31.15
C ARG D 18 -17.99 -18.40 -32.44
N ILE D 19 -17.08 -17.81 -33.21
CA ILE D 19 -16.70 -18.43 -34.48
C ILE D 19 -15.86 -19.66 -34.23
N LEU D 20 -14.93 -19.59 -33.27
CA LEU D 20 -14.07 -20.74 -33.00
C LEU D 20 -14.87 -21.94 -32.53
N HIS D 21 -15.88 -21.70 -31.68
CA HIS D 21 -16.71 -22.80 -31.20
C HIS D 21 -17.41 -23.52 -32.35
N GLN D 22 -17.88 -22.75 -33.33
CA GLN D 22 -18.47 -23.36 -34.52
C GLN D 22 -17.44 -24.15 -35.31
N LEU D 23 -16.25 -23.56 -35.48
CA LEU D 23 -15.23 -24.22 -36.31
C LEU D 23 -14.80 -25.55 -35.69
N PHE D 24 -14.62 -25.59 -34.37
CA PHE D 24 -14.19 -26.82 -33.73
C PHE D 24 -15.35 -27.78 -33.50
N ALA D 25 -16.59 -27.40 -33.81
CA ALA D 25 -17.68 -28.35 -33.75
C ALA D 25 -17.75 -29.23 -34.99
N GLY D 26 -17.15 -28.80 -36.10
CA GLY D 26 -17.17 -29.58 -37.32
C GLY D 26 -16.30 -30.82 -37.22
N ASP D 27 -16.42 -31.68 -38.25
CA ASP D 27 -15.70 -32.94 -38.22
C ASP D 27 -14.21 -32.75 -38.43
N GLU D 28 -13.83 -31.88 -39.36
CA GLU D 28 -12.43 -31.61 -39.66
C GLU D 28 -12.10 -30.17 -39.27
N VAL D 29 -11.01 -30.00 -38.54
CA VAL D 29 -10.48 -28.69 -38.21
C VAL D 29 -9.41 -28.32 -39.23
N ASN D 30 -9.54 -27.14 -39.83
CA ASN D 30 -8.56 -26.65 -40.79
C ASN D 30 -7.71 -25.59 -40.11
N VAL D 31 -6.48 -25.95 -39.74
CA VAL D 31 -5.68 -25.04 -38.93
C VAL D 31 -5.26 -23.81 -39.71
N GLU D 32 -5.30 -23.86 -41.04
CA GLU D 32 -5.02 -22.65 -41.81
C GLU D 32 -6.13 -21.63 -41.65
N GLU D 33 -7.39 -22.08 -41.61
CA GLU D 33 -8.50 -21.15 -41.45
C GLU D 33 -8.62 -20.63 -40.02
N VAL D 34 -8.30 -21.45 -39.01
CA VAL D 34 -8.33 -20.96 -37.64
C VAL D 34 -7.34 -19.81 -37.48
N GLN D 35 -6.07 -20.07 -37.81
CA GLN D 35 -5.04 -19.04 -37.71
C GLN D 35 -5.44 -17.76 -38.44
N ALA D 36 -5.94 -17.91 -39.68
CA ALA D 36 -6.31 -16.74 -40.47
C ALA D 36 -7.36 -15.88 -39.76
N ILE D 37 -8.36 -16.52 -39.17
CA ILE D 37 -9.43 -15.76 -38.53
C ILE D 37 -8.98 -15.18 -37.19
N MET D 38 -8.03 -15.82 -36.51
CA MET D 38 -7.49 -15.23 -35.28
C MET D 38 -6.59 -14.04 -35.60
N GLU D 39 -5.78 -14.14 -36.64
CA GLU D 39 -5.04 -12.97 -37.12
C GLU D 39 -5.98 -11.83 -37.44
N ALA D 40 -7.16 -12.14 -37.98
CA ALA D 40 -8.07 -11.11 -38.47
C ALA D 40 -8.63 -10.24 -37.36
N TYR D 41 -8.83 -10.79 -36.17
CA TYR D 41 -9.37 -10.00 -35.07
C TYR D 41 -8.35 -8.97 -34.63
N GLU D 42 -8.72 -7.70 -34.71
CA GLU D 42 -7.84 -6.61 -34.28
C GLU D 42 -7.95 -6.45 -32.78
N SER D 43 -6.84 -6.70 -32.08
CA SER D 43 -6.82 -6.67 -30.62
C SER D 43 -7.43 -5.39 -30.09
N ASP D 44 -8.34 -5.55 -29.14
CA ASP D 44 -9.00 -4.41 -28.49
C ASP D 44 -8.93 -4.63 -26.98
N PRO D 45 -8.12 -3.86 -26.27
CA PRO D 45 -7.93 -4.14 -24.84
C PRO D 45 -9.19 -4.00 -24.01
N THR D 46 -10.13 -3.15 -24.38
CA THR D 46 -11.38 -3.06 -23.63
C THR D 46 -12.11 -4.39 -23.59
N GLU D 47 -11.82 -5.28 -24.54
CA GLU D 47 -12.56 -6.53 -24.67
C GLU D 47 -11.88 -7.69 -23.97
N TRP D 48 -10.62 -7.54 -23.53
CA TRP D 48 -9.94 -8.64 -22.83
C TRP D 48 -9.21 -8.18 -21.58
N ALA D 49 -9.36 -6.93 -21.16
CA ALA D 49 -8.58 -6.43 -20.05
C ALA D 49 -8.82 -7.21 -18.77
N MET D 50 -10.01 -7.79 -18.61
CA MET D 50 -10.31 -8.50 -17.36
C MET D 50 -9.42 -9.71 -17.18
N TYR D 51 -8.93 -10.30 -18.27
CA TYR D 51 -8.05 -11.46 -18.20
C TYR D 51 -6.58 -11.09 -18.08
N ALA D 52 -6.23 -9.81 -18.12
CA ALA D 52 -4.83 -9.38 -18.10
C ALA D 52 -4.40 -9.17 -16.65
N LYS D 53 -3.82 -10.21 -16.05
CA LYS D 53 -3.34 -10.15 -14.68
C LYS D 53 -1.85 -10.48 -14.67
N PHE D 54 -1.07 -9.67 -13.97
CA PHE D 54 0.39 -9.77 -14.07
C PHE D 54 0.99 -10.24 -12.76
N ASP D 55 2.05 -11.03 -12.89
CA ASP D 55 2.89 -11.45 -11.78
C ASP D 55 4.28 -10.88 -12.00
N GLN D 56 4.90 -10.39 -10.93
CA GLN D 56 6.22 -9.77 -11.08
C GLN D 56 7.26 -10.78 -11.53
N TYR D 57 7.18 -12.01 -11.03
CA TYR D 57 8.28 -12.97 -11.15
C TYR D 57 8.17 -13.84 -12.42
N ARG D 58 7.00 -14.43 -12.69
CA ARG D 58 6.80 -15.25 -13.89
C ARG D 58 5.66 -14.69 -14.74
N TYR D 59 5.44 -15.30 -15.90
CA TYR D 59 4.25 -15.03 -16.69
C TYR D 59 3.06 -15.75 -16.07
N THR D 60 1.86 -15.30 -16.44
CA THR D 60 0.63 -15.86 -15.86
C THR D 60 -0.20 -16.54 -16.93
N ARG D 61 -0.82 -17.66 -16.55
CA ARG D 61 -1.80 -18.35 -17.37
C ARG D 61 -3.19 -17.95 -16.89
N ASN D 62 -3.99 -17.38 -17.79
CA ASN D 62 -5.34 -16.93 -17.46
C ASN D 62 -6.31 -17.60 -18.41
N LEU D 63 -7.06 -18.59 -17.90
CA LEU D 63 -8.02 -19.30 -18.73
C LEU D 63 -9.19 -18.38 -19.06
N VAL D 64 -9.72 -18.51 -20.27
CA VAL D 64 -10.83 -17.70 -20.75
C VAL D 64 -12.05 -18.55 -21.09
N ASP D 65 -11.85 -19.61 -21.87
CA ASP D 65 -12.92 -20.50 -22.32
C ASP D 65 -12.37 -21.92 -22.36
N GLN D 66 -13.07 -22.87 -21.73
CA GLN D 66 -12.69 -24.28 -21.82
C GLN D 66 -13.35 -25.00 -22.99
N GLY D 67 -14.15 -24.31 -23.80
CA GLY D 67 -14.40 -24.71 -25.17
C GLY D 67 -15.13 -26.02 -25.41
N ASN D 68 -16.06 -26.39 -24.53
CA ASN D 68 -16.84 -27.61 -24.72
C ASN D 68 -15.98 -28.86 -24.76
N GLY D 69 -14.87 -28.85 -24.01
CA GLY D 69 -13.98 -30.00 -23.95
C GLY D 69 -13.16 -30.26 -25.19
N LYS D 70 -13.42 -29.56 -26.29
CA LYS D 70 -12.66 -29.78 -27.51
C LYS D 70 -11.45 -28.87 -27.64
N PHE D 71 -11.48 -27.68 -27.01
CA PHE D 71 -10.35 -26.78 -27.13
C PHE D 71 -10.31 -25.82 -25.95
N ASN D 72 -9.10 -25.36 -25.64
CA ASN D 72 -8.83 -24.44 -24.56
C ASN D 72 -8.53 -23.05 -25.14
N LEU D 73 -8.94 -22.02 -24.42
CA LEU D 73 -8.67 -20.65 -24.80
C LEU D 73 -8.14 -19.90 -23.60
N MET D 74 -6.87 -19.47 -23.67
CA MET D 74 -6.19 -18.82 -22.56
C MET D 74 -5.57 -17.52 -23.02
N ILE D 75 -5.27 -16.67 -22.05
CA ILE D 75 -4.50 -15.46 -22.25
C ILE D 75 -3.30 -15.53 -21.32
N LEU D 76 -2.11 -15.32 -21.87
CA LEU D 76 -0.89 -15.32 -21.09
C LEU D 76 -0.34 -13.90 -21.00
N CYS D 77 0.21 -13.55 -19.84
CA CYS D 77 0.64 -12.20 -19.56
C CYS D 77 2.12 -12.23 -19.21
N TRP D 78 2.92 -11.53 -20.01
CA TRP D 78 4.38 -11.57 -19.92
C TRP D 78 4.89 -10.24 -19.37
N GLY D 79 5.64 -10.30 -18.27
CA GLY D 79 6.33 -9.13 -17.78
C GLY D 79 7.54 -8.82 -18.63
N GLU D 80 8.25 -7.77 -18.23
CA GLU D 80 9.51 -7.44 -18.86
C GLU D 80 10.52 -8.55 -18.58
N GLY D 81 11.03 -9.18 -19.64
CA GLY D 81 12.00 -10.25 -19.51
C GLY D 81 11.45 -11.63 -19.23
N HIS D 82 10.13 -11.81 -19.22
CA HIS D 82 9.55 -13.10 -18.88
C HIS D 82 9.56 -14.02 -20.08
N GLY D 83 9.65 -15.32 -19.81
CA GLY D 83 9.81 -16.28 -20.89
C GLY D 83 9.47 -17.68 -20.47
N SER D 84 9.10 -18.48 -21.47
CA SER D 84 8.75 -19.88 -21.34
C SER D 84 10.00 -20.73 -21.20
N SER D 85 9.78 -22.00 -20.91
CA SER D 85 10.83 -23.00 -21.05
C SER D 85 10.60 -23.75 -22.35
N ILE D 86 11.61 -24.54 -22.73
CA ILE D 86 11.56 -25.34 -23.96
C ILE D 86 10.59 -26.49 -23.73
N HIS D 87 9.46 -26.47 -24.44
CA HIS D 87 8.31 -27.30 -24.10
C HIS D 87 7.76 -27.99 -25.35
N ASP D 88 7.01 -29.07 -25.13
CA ASP D 88 6.26 -29.76 -26.17
C ASP D 88 4.78 -29.41 -26.02
N HIS D 89 3.96 -30.02 -26.89
CA HIS D 89 2.54 -29.69 -26.93
C HIS D 89 1.65 -30.92 -26.86
N THR D 90 2.16 -32.04 -26.33
CA THR D 90 1.41 -33.27 -26.11
C THR D 90 0.44 -33.55 -27.26
N ASN D 91 0.97 -33.50 -28.49
CA ASN D 91 0.25 -33.85 -29.71
C ASN D 91 -1.10 -33.16 -29.77
N SER D 92 -1.06 -31.83 -29.68
CA SER D 92 -2.27 -31.05 -29.88
C SER D 92 -1.91 -29.79 -30.64
N HIS D 93 -2.87 -29.29 -31.42
CA HIS D 93 -2.64 -28.06 -32.16
C HIS D 93 -2.56 -26.90 -31.18
N CYS D 94 -1.82 -25.86 -31.57
CA CYS D 94 -1.60 -24.73 -30.68
C CYS D 94 -1.50 -23.46 -31.52
N PHE D 95 -2.36 -22.50 -31.23
CA PHE D 95 -2.35 -21.21 -31.89
C PHE D 95 -1.99 -20.12 -30.88
N LEU D 96 -1.25 -19.12 -31.34
CA LEU D 96 -0.76 -18.06 -30.48
C LEU D 96 -0.97 -16.74 -31.21
N LYS D 97 -1.75 -15.83 -30.60
CA LYS D 97 -2.03 -14.53 -31.21
C LYS D 97 -1.62 -13.40 -30.27
N MET D 98 -0.98 -12.37 -30.83
CA MET D 98 -0.51 -11.24 -30.05
C MET D 98 -1.64 -10.25 -29.84
N LEU D 99 -1.97 -9.97 -28.58
CA LEU D 99 -2.92 -8.91 -28.26
C LEU D 99 -2.25 -7.59 -27.93
N GLN D 100 -1.06 -7.65 -27.34
CA GLN D 100 -0.31 -6.46 -26.96
C GLN D 100 1.15 -6.86 -26.76
N GLY D 101 2.07 -6.03 -27.26
CA GLY D 101 3.49 -6.33 -27.16
C GLY D 101 3.96 -7.29 -28.22
N ASN D 102 5.19 -7.75 -28.05
CA ASN D 102 5.83 -8.69 -28.96
C ASN D 102 6.40 -9.86 -28.16
N LEU D 103 6.53 -11.01 -28.81
CA LEU D 103 7.25 -12.13 -28.23
C LEU D 103 8.16 -12.76 -29.28
N LYS D 104 9.32 -13.23 -28.83
CA LYS D 104 10.30 -13.89 -29.69
C LYS D 104 10.12 -15.40 -29.56
N GLU D 105 9.72 -16.05 -30.66
CA GLU D 105 9.58 -17.50 -30.73
C GLU D 105 10.89 -18.11 -31.24
N THR D 106 11.51 -18.96 -30.43
CA THR D 106 12.70 -19.69 -30.82
C THR D 106 12.33 -21.16 -30.90
N LEU D 107 12.46 -21.74 -32.10
CA LEU D 107 12.08 -23.11 -32.37
C LEU D 107 13.30 -24.03 -32.26
N PHE D 108 13.15 -25.12 -31.51
CA PHE D 108 14.20 -26.10 -31.33
C PHE D 108 13.79 -27.43 -31.96
N ALA D 109 14.77 -28.19 -32.44
CA ALA D 109 14.53 -29.56 -32.85
C ALA D 109 14.65 -30.49 -31.65
N TRP D 110 14.05 -31.67 -31.80
CA TRP D 110 14.00 -32.65 -30.72
C TRP D 110 15.41 -33.14 -30.37
N PRO D 111 15.60 -33.81 -29.23
CA PRO D 111 16.95 -34.24 -28.88
C PRO D 111 17.38 -35.57 -29.48
N ASP D 112 18.59 -35.58 -30.01
CA ASP D 112 19.32 -36.83 -30.12
C ASP D 112 19.47 -37.43 -28.72
N LYS D 113 19.60 -38.76 -28.68
CA LYS D 113 19.33 -39.50 -27.45
C LYS D 113 20.36 -39.22 -26.36
N LYS D 114 21.65 -39.09 -26.72
CA LYS D 114 22.65 -38.77 -25.71
C LYS D 114 22.77 -37.26 -25.55
N SER D 115 22.94 -36.83 -24.31
CA SER D 115 22.81 -35.42 -23.95
C SER D 115 23.80 -34.53 -24.69
N ASN D 116 23.27 -33.48 -25.31
CA ASN D 116 24.02 -32.48 -26.07
C ASN D 116 23.10 -31.28 -26.23
N GLU D 117 23.71 -30.12 -26.48
CA GLU D 117 22.95 -28.87 -26.55
C GLU D 117 22.04 -28.89 -27.78
N MET D 118 20.74 -28.70 -27.56
CA MET D 118 19.76 -28.77 -28.63
C MET D 118 20.02 -27.68 -29.67
N VAL D 119 19.44 -27.84 -30.85
CA VAL D 119 19.75 -26.99 -32.00
C VAL D 119 18.60 -26.03 -32.27
N LYS D 120 18.93 -24.74 -32.39
CA LYS D 120 17.97 -23.73 -32.79
C LYS D 120 17.70 -23.87 -34.29
N LYS D 121 16.48 -24.29 -34.65
CA LYS D 121 16.16 -24.31 -36.08
C LYS D 121 15.91 -22.90 -36.58
N SER D 122 14.97 -22.18 -35.98
CA SER D 122 14.67 -20.82 -36.41
C SER D 122 14.31 -19.99 -35.19
N GLU D 123 14.16 -18.69 -35.44
CA GLU D 123 13.99 -17.68 -34.39
C GLU D 123 13.34 -16.47 -35.03
N ARG D 124 12.16 -16.08 -34.55
CA ARG D 124 11.45 -14.97 -35.16
C ARG D 124 10.67 -14.23 -34.09
N VAL D 125 10.34 -12.99 -34.40
CA VAL D 125 9.59 -12.12 -33.52
C VAL D 125 8.16 -12.04 -34.03
N LEU D 126 7.21 -12.02 -33.09
CA LEU D 126 5.79 -12.01 -33.40
C LEU D 126 5.28 -10.61 -33.14
N ARG D 127 4.95 -9.88 -34.21
CA ARG D 127 4.47 -8.53 -33.96
C ARG D 127 2.97 -8.56 -33.65
N GLU D 128 2.45 -7.42 -33.20
CA GLU D 128 1.09 -7.34 -32.69
C GLU D 128 0.08 -7.80 -33.74
N ASN D 129 -0.93 -8.53 -33.26
CA ASN D 129 -2.03 -9.07 -34.07
C ASN D 129 -1.63 -10.26 -34.93
N GLN D 130 -0.33 -10.51 -35.05
CA GLN D 130 0.15 -11.71 -35.73
C GLN D 130 -0.23 -12.94 -34.93
N CYS D 131 -0.55 -14.03 -35.64
CA CYS D 131 -0.95 -15.29 -35.03
C CYS D 131 -0.15 -16.44 -35.60
N ALA D 132 0.49 -17.21 -34.72
CA ALA D 132 1.34 -18.33 -35.09
C ALA D 132 0.67 -19.66 -34.79
N TYR D 133 1.22 -20.72 -35.39
CA TYR D 133 0.74 -22.09 -35.22
C TYR D 133 1.91 -23.01 -34.93
N ILE D 134 1.69 -23.97 -34.04
CA ILE D 134 2.73 -24.91 -33.66
C ILE D 134 2.07 -26.22 -33.25
N ASN D 135 2.73 -27.33 -33.59
CA ASN D 135 2.45 -28.63 -33.02
C ASN D 135 3.77 -29.36 -32.87
N ASP D 136 3.71 -30.59 -32.35
CA ASP D 136 4.94 -31.36 -32.22
C ASP D 136 5.51 -31.78 -33.57
N SER D 137 4.72 -31.71 -34.64
CA SER D 137 5.24 -32.06 -35.95
C SER D 137 6.25 -31.02 -36.43
N ILE D 138 6.06 -29.75 -36.08
CA ILE D 138 7.00 -28.72 -36.52
C ILE D 138 8.19 -28.58 -35.59
N GLY D 139 8.04 -29.00 -34.34
CA GLY D 139 9.14 -28.94 -33.40
C GLY D 139 8.70 -28.29 -32.11
N LEU D 140 9.67 -28.04 -31.25
CA LEU D 140 9.42 -27.44 -29.96
C LEU D 140 9.96 -26.01 -29.94
N HIS D 141 9.31 -25.16 -29.16
CA HIS D 141 9.69 -23.77 -29.13
C HIS D 141 9.79 -23.28 -27.69
N ARG D 142 10.22 -22.03 -27.57
CA ARG D 142 10.24 -21.30 -26.31
C ARG D 142 9.96 -19.86 -26.65
N VAL D 143 9.02 -19.26 -25.92
CA VAL D 143 8.55 -17.90 -26.19
C VAL D 143 8.98 -17.00 -25.04
N GLU D 144 9.52 -15.82 -25.36
CA GLU D 144 9.93 -14.84 -24.37
C GLU D 144 9.53 -13.44 -24.82
N ASN D 145 9.34 -12.54 -23.86
CA ASN D 145 9.10 -11.11 -24.10
C ASN D 145 10.44 -10.39 -24.04
N ILE D 146 10.99 -10.04 -25.21
CA ILE D 146 12.34 -9.51 -25.29
C ILE D 146 12.45 -8.09 -24.75
N SER D 147 11.34 -7.38 -24.62
CA SER D 147 11.37 -5.97 -24.29
C SER D 147 11.82 -5.77 -22.85
N HIS D 148 12.72 -4.79 -22.65
CA HIS D 148 13.12 -4.39 -21.31
C HIS D 148 12.15 -3.43 -20.67
N THR D 149 11.18 -2.89 -21.43
CA THR D 149 10.34 -1.81 -20.94
C THR D 149 8.83 -2.06 -21.04
N GLU D 150 8.38 -2.96 -21.91
CA GLU D 150 6.94 -3.15 -22.10
C GLU D 150 6.53 -4.60 -21.91
N PRO D 151 5.29 -4.82 -21.47
CA PRO D 151 4.80 -6.19 -21.30
C PRO D 151 4.27 -6.76 -22.60
N ALA D 152 3.94 -8.05 -22.53
CA ALA D 152 3.35 -8.77 -23.66
C ALA D 152 2.08 -9.48 -23.20
N VAL D 153 1.08 -9.51 -24.09
CA VAL D 153 -0.17 -10.21 -23.83
C VAL D 153 -0.52 -11.02 -25.08
N SER D 154 -0.72 -12.33 -24.90
CA SER D 154 -0.92 -13.25 -26.00
C SER D 154 -2.17 -14.09 -25.78
N LEU D 155 -2.78 -14.53 -26.87
CA LEU D 155 -4.02 -15.30 -26.85
C LEU D 155 -3.75 -16.70 -27.38
N HIS D 156 -3.93 -17.70 -26.54
CA HIS D 156 -3.54 -19.07 -26.86
C HIS D 156 -4.77 -19.95 -27.04
N LEU D 157 -4.73 -20.78 -28.08
CA LEU D 157 -5.75 -21.81 -28.31
C LEU D 157 -5.04 -23.15 -28.44
N TYR D 158 -5.45 -24.11 -27.63
CA TYR D 158 -4.85 -25.43 -27.62
C TYR D 158 -5.95 -26.48 -27.74
N SER D 159 -5.87 -27.29 -28.80
CA SER D 159 -6.86 -28.33 -29.06
C SER D 159 -6.16 -29.62 -29.48
N PRO D 160 -6.39 -30.74 -28.78
CA PRO D 160 -7.14 -30.83 -27.53
C PRO D 160 -6.48 -30.09 -26.36
N PRO D 161 -7.27 -29.72 -25.35
CA PRO D 161 -6.70 -29.07 -24.16
C PRO D 161 -5.79 -30.04 -23.40
N PHE D 162 -4.73 -29.48 -22.79
CA PHE D 162 -3.79 -30.34 -22.08
C PHE D 162 -3.29 -29.65 -20.81
N ASP D 163 -3.23 -30.42 -19.72
CA ASP D 163 -2.63 -29.98 -18.46
C ASP D 163 -1.16 -30.33 -18.39
N THR D 164 -0.71 -31.24 -19.24
CA THR D 164 0.60 -31.86 -19.15
C THR D 164 1.45 -31.44 -20.33
N CYS D 165 2.77 -31.43 -20.14
CA CYS D 165 3.75 -31.34 -21.22
C CYS D 165 5.13 -31.51 -20.58
N HIS D 166 6.18 -31.37 -21.39
CA HIS D 166 7.53 -31.68 -20.96
C HIS D 166 8.42 -30.44 -21.08
N ALA D 167 9.32 -30.27 -20.11
CA ALA D 167 10.31 -29.20 -20.14
C ALA D 167 11.66 -29.78 -20.55
N PHE D 168 12.43 -29.01 -21.31
CA PHE D 168 13.64 -29.49 -21.94
C PHE D 168 14.80 -28.62 -21.51
N ASP D 169 15.87 -29.24 -21.00
CA ASP D 169 17.12 -28.54 -20.74
C ASP D 169 17.82 -28.30 -22.07
N GLN D 170 18.11 -27.04 -22.39
CA GLN D 170 18.77 -26.77 -23.66
C GLN D 170 20.19 -27.33 -23.69
N ARG D 171 20.85 -27.43 -22.54
CA ARG D 171 22.24 -27.88 -22.49
C ARG D 171 22.38 -29.38 -22.75
N THR D 172 21.45 -30.18 -22.22
CA THR D 172 21.47 -31.63 -22.36
C THR D 172 20.44 -32.13 -23.37
N GLY D 173 19.22 -31.61 -23.30
CA GLY D 173 18.10 -32.16 -24.04
C GLY D 173 17.27 -33.14 -23.27
N HIS D 174 17.64 -33.45 -22.03
CA HIS D 174 16.84 -34.39 -21.25
C HIS D 174 15.56 -33.73 -20.78
N LYS D 175 14.53 -34.54 -20.61
CA LYS D 175 13.20 -34.05 -20.32
C LYS D 175 12.91 -34.02 -18.83
N ASN D 176 12.02 -33.10 -18.46
CA ASN D 176 11.30 -33.05 -17.20
C ASN D 176 9.89 -32.60 -17.55
N LYS D 177 8.88 -33.38 -17.18
CA LYS D 177 7.53 -33.07 -17.63
C LYS D 177 6.74 -32.40 -16.52
N VAL D 178 6.02 -31.35 -16.88
CA VAL D 178 5.42 -30.42 -15.95
C VAL D 178 3.90 -30.56 -16.01
N THR D 179 3.23 -29.98 -15.03
CA THR D 179 1.79 -29.80 -15.07
C THR D 179 1.49 -28.33 -14.79
N MET D 180 0.76 -27.69 -15.71
CA MET D 180 0.74 -26.24 -15.77
C MET D 180 -0.30 -25.64 -14.83
N THR D 181 0.08 -24.59 -14.13
CA THR D 181 -0.78 -23.89 -13.21
C THR D 181 -1.78 -23.02 -13.98
N PHE D 182 -2.63 -22.33 -13.23
CA PHE D 182 -3.49 -21.28 -13.75
C PHE D 182 -3.50 -20.15 -12.75
N HIS D 183 -3.09 -18.96 -13.19
CA HIS D 183 -3.14 -17.79 -12.31
C HIS D 183 -4.57 -17.35 -12.09
N SER D 184 -5.37 -17.29 -13.15
CA SER D 184 -6.77 -16.94 -13.05
C SER D 184 -7.60 -17.93 -13.87
N LYS D 185 -8.89 -17.95 -13.59
CA LYS D 185 -9.86 -18.68 -14.40
C LYS D 185 -11.08 -17.78 -14.59
N PHE D 186 -11.37 -17.44 -15.85
CA PHE D 186 -12.54 -16.65 -16.21
C PHE D 186 -12.54 -15.28 -15.53
N GLY D 187 -11.34 -14.72 -15.31
CA GLY D 187 -11.21 -13.41 -14.72
C GLY D 187 -11.10 -13.38 -13.21
N ILE D 188 -11.03 -14.54 -12.55
CA ILE D 188 -10.99 -14.62 -11.09
C ILE D 188 -9.70 -15.31 -10.67
N ARG D 189 -9.01 -14.71 -9.69
CA ARG D 189 -7.74 -15.26 -9.22
C ARG D 189 -7.96 -16.62 -8.55
N THR D 190 -7.07 -17.56 -8.86
CA THR D 190 -7.13 -18.93 -8.33
C THR D 190 -5.76 -19.30 -7.79
N PRO D 191 -5.53 -19.11 -6.48
CA PRO D 191 -4.25 -19.50 -5.88
C PRO D 191 -4.23 -20.97 -5.44
CAA 3JF E . -3.40 -0.87 -23.99
CAV 3JF E . -3.68 -1.01 -22.51
OAF 3JF E . -4.31 -0.16 -21.85
NAT 3JF E . -3.17 -2.17 -21.92
CBE 3JF E . -3.33 -2.51 -20.50
CBG 3JF E . -3.85 -3.97 -20.38
CAD 3JF E . -3.93 -4.44 -18.93
CAE 3JF E . -5.26 -3.96 -20.98
CAC 3JF E . -2.97 -4.95 -21.14
CAX 3JF E . -1.97 -2.34 -19.83
OAH 3JF E . -0.91 -2.68 -20.38
N 3JF E . -1.88 -1.79 -18.58
CD2 3JF E . -2.98 -1.29 -17.74
CG 3JF E . -2.23 -0.29 -16.82
OD1 3JF E . -1.94 0.91 -17.49
CB 3JF E . -0.87 -0.95 -16.58
CA 3JF E . -0.56 -1.59 -17.94
C 3JF E . 0.10 -2.94 -17.65
O 3JF E . -0.59 -3.94 -17.53
NAS 3JF E . 1.49 -2.93 -17.53
CAO 3JF E . 2.29 -4.12 -17.21
CAY 3JF E . 2.70 -4.03 -15.75
CAK 3JF E . 2.51 -2.84 -15.00
CAM 3JF E . 2.94 -2.76 -13.65
CAJ 3JF E . 3.30 -5.13 -15.14
CAL 3JF E . 3.72 -5.05 -13.81
CBA 3JF E . 3.56 -3.87 -13.06
CBB 3JF E . 4.06 -3.79 -11.69
SAU 3JF E . 3.19 -2.92 -10.51
CAN 3JF E . 4.37 -3.33 -9.31
NAR 3JF E . 5.37 -4.06 -9.74
CAZ 3JF E . 5.21 -4.33 -11.12
CAB 3JF E . 6.29 -5.11 -11.77
C1 CIT F . 14.81 -1.49 -4.36
O1 CIT F . 15.01 -2.73 -4.19
O2 CIT F . 15.23 -0.71 -3.48
C2 CIT F . 14.07 -1.00 -5.59
C3 CIT F . 14.87 0.06 -6.36
O7 CIT F . 14.46 0.04 -7.76
C4 CIT F . 14.64 1.44 -5.74
C5 CIT F . 15.06 2.66 -6.55
O3 CIT F . 15.34 3.67 -5.86
O4 CIT F . 15.14 2.78 -7.83
C6 CIT F . 16.35 -0.31 -6.22
O5 CIT F . 17.05 0.18 -5.31
O6 CIT F . 16.88 -1.11 -7.02
FE FE2 G . 4.15 -23.76 -26.62
#